data_7UXS
#
_entry.id   7UXS
#
_cell.length_a   46.194
_cell.length_b   70.801
_cell.length_c   121.740
_cell.angle_alpha   90.000
_cell.angle_beta   90.000
_cell.angle_gamma   90.000
#
_symmetry.space_group_name_H-M   'P 21 21 21'
#
loop_
_entity.id
_entity.type
_entity.pdbx_description
1 polymer BcThsA
2 non-polymer (2R,3R,3aS,5S,6R,7S,8R,11R,13S,15aR)-2-(6-amino-9H-purin-9-yl)-3,6,7,11,13-pentahydroxyoctahydro-2H,5H,11H,13H-5,8-epoxy-11lambda~5~,13lambda~5~-furo[2,3-g][1,3,5,9,2,4]tetraoxadiphosphacyclotetradecine-11,13-dione
3 non-polymer GLYCEROL
4 non-polymer 'SULFATE ION'
5 water water
#
_entity_poly.entity_id   1
_entity_poly.type   'polypeptide(L)'
_entity_poly.pdbx_seq_one_letter_code
;SNATVFLSGSAVEYNHWETEHAEQFIHQLSKELIRKDFNIVSGFGLGVGSFVINGVLEELYMNQGTIDDDRLILRPFPQG
KKGEEQWDKYRRDMITRTGVSIFLYGNKIDKGQVVKAKGVQSEFNISFEQNNYVVPVGATGYIAKDLWNKVNEEFETYYP
GADARMKKLFGELNNEALSIEELINTIIEFVEILSN
;
_entity_poly.pdbx_strand_id   B,A
#
# COMPACT_ATOMS: atom_id res chain seq x y z
N ALA A 3 -18.72 7.68 5.59
CA ALA A 3 -18.81 7.43 4.15
C ALA A 3 -17.40 7.23 3.58
N THR A 4 -17.23 6.28 2.67
CA THR A 4 -15.92 5.88 2.19
C THR A 4 -15.83 6.19 0.70
N VAL A 5 -14.78 6.92 0.32
CA VAL A 5 -14.55 7.32 -1.05
C VAL A 5 -13.37 6.55 -1.62
N PHE A 6 -13.46 6.23 -2.90
CA PHE A 6 -12.32 5.73 -3.65
C PHE A 6 -11.66 6.92 -4.35
N LEU A 7 -10.37 7.10 -4.13
CA LEU A 7 -9.60 8.17 -4.75
C LEU A 7 -8.75 7.55 -5.85
N SER A 8 -9.14 7.86 -7.09
CA SER A 8 -8.53 7.34 -8.31
C SER A 8 -7.65 8.41 -8.93
N GLY A 9 -6.44 8.04 -9.32
CA GLY A 9 -5.58 8.98 -10.03
C GLY A 9 -4.15 8.52 -10.15
N SER A 10 -3.50 8.99 -11.20
CA SER A 10 -2.08 8.79 -11.42
C SER A 10 -1.58 9.97 -12.23
N ALA A 11 -0.28 10.25 -12.11
CA ALA A 11 0.29 11.38 -12.85
C ALA A 11 1.80 11.31 -12.89
N VAL A 12 2.36 11.63 -14.05
CA VAL A 12 3.75 12.06 -14.13
C VAL A 12 3.87 13.55 -14.46
N GLU A 13 2.79 14.21 -14.89
CA GLU A 13 2.72 15.66 -15.01
C GLU A 13 1.33 16.14 -14.59
N TYR A 14 1.19 17.44 -14.33
CA TYR A 14 0.06 17.94 -13.56
C TYR A 14 -0.63 19.13 -14.20
N ASN A 15 -0.88 19.04 -15.50
CA ASN A 15 -1.70 20.01 -16.23
C ASN A 15 -0.94 21.34 -16.17
N HIS A 16 -1.54 22.43 -15.71
CA HIS A 16 -0.84 23.70 -15.72
C HIS A 16 -0.05 23.97 -14.43
N TRP A 17 -0.20 23.13 -13.41
CA TRP A 17 0.24 23.50 -12.09
C TRP A 17 1.68 23.11 -11.82
N GLU A 18 2.34 23.93 -11.00
CA GLU A 18 3.65 23.59 -10.49
C GLU A 18 3.57 22.28 -9.73
N THR A 19 4.61 21.46 -9.88
CA THR A 19 4.58 20.11 -9.30
C THR A 19 4.26 20.14 -7.81
N GLU A 20 4.96 20.97 -7.04
CA GLU A 20 4.70 20.96 -5.60
C GLU A 20 3.29 21.44 -5.28
N HIS A 21 2.77 22.38 -6.07
N HIS A 21 2.76 22.38 -6.05
CA HIS A 21 1.40 22.86 -5.90
CA HIS A 21 1.39 22.83 -5.81
C HIS A 21 0.39 21.74 -6.12
C HIS A 21 0.37 21.72 -6.09
N ALA A 22 0.60 20.92 -7.14
CA ALA A 22 -0.33 19.81 -7.42
C ALA A 22 -0.25 18.76 -6.33
N GLU A 23 0.97 18.47 -5.88
CA GLU A 23 1.15 17.55 -4.76
C GLU A 23 0.46 18.07 -3.51
N GLN A 24 0.58 19.38 -3.24
CA GLN A 24 -0.10 19.97 -2.10
C GLN A 24 -1.62 19.88 -2.24
N PHE A 25 -2.13 20.06 -3.46
CA PHE A 25 -3.57 19.90 -3.68
C PHE A 25 -4.03 18.50 -3.28
N ILE A 26 -3.29 17.48 -3.73
CA ILE A 26 -3.69 16.10 -3.42
C ILE A 26 -3.62 15.86 -1.92
N HIS A 27 -2.53 16.31 -1.31
CA HIS A 27 -2.31 16.25 0.14
C HIS A 27 -3.45 16.91 0.90
N GLN A 28 -3.78 18.16 0.54
CA GLN A 28 -4.80 18.91 1.25
C GLN A 28 -6.19 18.35 1.03
N LEU A 29 -6.48 17.86 -0.18
CA LEU A 29 -7.76 17.20 -0.43
C LEU A 29 -7.94 16.02 0.51
N SER A 30 -6.89 15.22 0.64
CA SER A 30 -6.96 14.02 1.46
C SER A 30 -7.11 14.39 2.92
N LYS A 31 -6.38 15.40 3.37
CA LYS A 31 -6.49 15.88 4.74
C LYS A 31 -7.89 16.38 5.05
N GLU A 32 -8.47 17.19 4.16
CA GLU A 32 -9.78 17.76 4.41
C GLU A 32 -10.87 16.70 4.30
N LEU A 33 -10.69 15.67 3.46
CA LEU A 33 -11.64 14.56 3.48
C LEU A 33 -11.68 13.90 4.85
N ILE A 34 -10.49 13.68 5.45
CA ILE A 34 -10.41 13.12 6.79
C ILE A 34 -11.08 14.06 7.79
N ARG A 35 -10.79 15.37 7.69
CA ARG A 35 -11.40 16.33 8.61
C ARG A 35 -12.92 16.31 8.55
N LYS A 36 -13.48 16.17 7.35
CA LYS A 36 -14.92 16.16 7.15
C LYS A 36 -15.52 14.76 7.28
N ASP A 37 -14.76 13.85 7.91
CA ASP A 37 -15.25 12.58 8.44
C ASP A 37 -15.48 11.54 7.35
N PHE A 38 -14.70 11.61 6.27
CA PHE A 38 -14.73 10.58 5.25
C PHE A 38 -13.59 9.60 5.47
N ASN A 39 -13.75 8.40 4.93
CA ASN A 39 -12.66 7.45 4.80
C ASN A 39 -12.25 7.36 3.32
N ILE A 40 -10.99 7.01 3.10
CA ILE A 40 -10.41 7.00 1.76
C ILE A 40 -9.87 5.61 1.47
N VAL A 41 -10.20 5.05 0.31
CA VAL A 41 -9.48 3.92 -0.28
C VAL A 41 -8.61 4.45 -1.41
N SER A 42 -7.33 4.08 -1.40
CA SER A 42 -6.37 4.50 -2.42
C SER A 42 -5.58 3.31 -2.94
N GLY A 43 -5.43 3.25 -4.26
CA GLY A 43 -4.57 2.31 -4.92
C GLY A 43 -3.14 2.77 -5.09
N PHE A 44 -2.72 3.84 -4.42
CA PHE A 44 -1.31 4.22 -4.36
C PHE A 44 -0.76 4.49 -5.77
N GLY A 45 -1.52 5.25 -6.57
CA GLY A 45 -1.11 5.53 -7.94
C GLY A 45 0.13 6.40 -7.99
N LEU A 46 0.94 6.17 -9.02
CA LEU A 46 2.11 7.01 -9.22
C LEU A 46 1.71 8.46 -9.29
N GLY A 47 2.47 9.32 -8.63
CA GLY A 47 2.21 10.73 -8.66
C GLY A 47 1.06 11.21 -7.81
N VAL A 48 0.38 10.31 -7.10
CA VAL A 48 -0.82 10.66 -6.36
C VAL A 48 -0.79 10.01 -4.98
N GLY A 49 -0.59 8.69 -4.94
CA GLY A 49 -0.73 7.95 -3.70
C GLY A 49 0.13 8.45 -2.56
N SER A 50 1.40 8.79 -2.83
CA SER A 50 2.26 9.28 -1.76
C SER A 50 1.70 10.52 -1.09
N PHE A 51 1.07 11.39 -1.87
CA PHE A 51 0.56 12.65 -1.33
C PHE A 51 -0.75 12.46 -0.59
N VAL A 52 -1.58 11.51 -1.02
CA VAL A 52 -2.73 11.09 -0.22
C VAL A 52 -2.27 10.66 1.17
N ILE A 53 -1.26 9.77 1.21
CA ILE A 53 -0.74 9.29 2.48
C ILE A 53 -0.20 10.46 3.30
N ASN A 54 0.58 11.34 2.66
CA ASN A 54 1.15 12.46 3.41
C ASN A 54 0.07 13.28 4.09
N GLY A 55 -1.01 13.59 3.36
CA GLY A 55 -2.05 14.41 3.92
C GLY A 55 -2.78 13.72 5.06
N VAL A 56 -3.03 12.42 4.92
CA VAL A 56 -3.72 11.72 5.98
C VAL A 56 -2.84 11.58 7.21
N LEU A 57 -1.57 11.19 7.02
CA LEU A 57 -0.67 11.03 8.16
C LEU A 57 -0.49 12.34 8.90
N GLU A 58 -0.45 13.46 8.17
CA GLU A 58 -0.28 14.75 8.83
C GLU A 58 -1.41 14.97 9.82
N GLU A 59 -2.65 14.72 9.40
CA GLU A 59 -3.80 14.90 10.28
C GLU A 59 -3.80 13.86 11.39
N LEU A 60 -3.56 12.58 11.06
CA LEU A 60 -3.61 11.55 12.09
C LEU A 60 -2.56 11.79 13.17
N TYR A 61 -1.33 12.08 12.77
CA TYR A 61 -0.23 12.11 13.73
C TYR A 61 -0.14 13.44 14.46
N MET A 62 -0.98 14.40 14.14
CA MET A 62 -1.15 15.58 14.98
C MET A 62 -2.38 15.47 15.86
N ASN A 63 -3.13 14.38 15.76
CA ASN A 63 -4.37 14.20 16.50
C ASN A 63 -4.44 12.82 17.15
N GLN A 64 -3.28 12.30 17.50
CA GLN A 64 -3.15 11.10 18.32
C GLN A 64 -3.82 9.91 17.64
N GLY A 65 -3.78 9.88 16.31
CA GLY A 65 -4.42 8.85 15.54
C GLY A 65 -3.45 7.75 15.11
N THR A 66 -4.02 6.70 14.51
CA THR A 66 -3.27 5.56 14.03
C THR A 66 -3.78 5.14 12.67
N ILE A 67 -2.85 4.65 11.83
CA ILE A 67 -3.20 4.06 10.54
C ILE A 67 -4.18 2.90 10.70
N ASP A 68 -4.18 2.23 11.86
CA ASP A 68 -5.06 1.09 12.06
C ASP A 68 -6.53 1.48 12.24
N ASP A 69 -6.85 2.76 12.36
CA ASP A 69 -8.25 3.17 12.43
C ASP A 69 -8.94 3.11 11.07
N ASP A 70 -8.20 2.82 10.00
CA ASP A 70 -8.75 2.56 8.67
C ASP A 70 -9.51 3.75 8.10
N ARG A 71 -9.11 4.96 8.50
CA ARG A 71 -9.55 6.14 7.78
C ARG A 71 -8.94 6.19 6.39
N LEU A 72 -7.75 5.59 6.22
CA LEU A 72 -7.08 5.47 4.93
C LEU A 72 -6.77 4.01 4.73
N ILE A 73 -7.33 3.45 3.67
CA ILE A 73 -7.23 2.04 3.33
C ILE A 73 -6.40 1.94 2.06
N LEU A 74 -5.26 1.28 2.15
CA LEU A 74 -4.26 1.32 1.08
C LEU A 74 -4.20 -0.01 0.33
N ARG A 75 -4.25 0.05 -0.99
CA ARG A 75 -4.16 -1.14 -1.84
C ARG A 75 -3.14 -0.88 -2.94
N PRO A 76 -1.85 -0.81 -2.59
CA PRO A 76 -0.84 -0.72 -3.64
C PRO A 76 -0.91 -1.90 -4.59
N PHE A 77 -0.60 -1.64 -5.86
CA PHE A 77 -0.77 -2.66 -6.89
C PHE A 77 0.50 -3.50 -7.03
N PRO A 78 0.37 -4.83 -7.07
CA PRO A 78 1.54 -5.67 -7.31
C PRO A 78 2.06 -5.46 -8.73
N GLN A 79 3.34 -5.18 -8.85
CA GLN A 79 3.98 -4.89 -10.12
C GLN A 79 4.60 -6.15 -10.71
N GLY A 80 4.56 -6.24 -12.03
CA GLY A 80 5.04 -7.39 -12.76
C GLY A 80 3.90 -8.16 -13.41
N LYS A 81 4.30 -9.17 -14.19
CA LYS A 81 3.33 -9.91 -15.00
C LYS A 81 2.30 -10.63 -14.15
N LYS A 82 2.72 -11.30 -13.08
CA LYS A 82 1.77 -11.99 -12.22
C LYS A 82 0.82 -11.00 -11.55
N GLY A 83 1.36 -9.88 -11.10
CA GLY A 83 0.48 -8.89 -10.47
C GLY A 83 -0.55 -8.35 -11.43
N GLU A 84 -0.12 -8.03 -12.66
CA GLU A 84 -1.04 -7.48 -13.65
C GLU A 84 -2.22 -8.40 -13.93
N GLU A 85 -2.02 -9.72 -13.83
CA GLU A 85 -3.11 -10.66 -14.04
C GLU A 85 -4.23 -10.50 -13.02
N GLN A 86 -3.95 -9.94 -11.85
CA GLN A 86 -4.95 -9.78 -10.81
C GLN A 86 -5.48 -8.35 -10.68
N TRP A 87 -5.02 -7.42 -11.52
CA TRP A 87 -5.36 -6.01 -11.27
C TRP A 87 -6.86 -5.72 -11.36
N ASP A 88 -7.55 -6.32 -12.34
CA ASP A 88 -8.97 -5.99 -12.45
C ASP A 88 -9.75 -6.54 -11.27
N LYS A 89 -9.43 -7.76 -10.84
CA LYS A 89 -10.12 -8.33 -9.69
C LYS A 89 -9.78 -7.53 -8.43
N TYR A 90 -8.52 -7.11 -8.29
CA TYR A 90 -8.11 -6.30 -7.15
C TYR A 90 -8.85 -4.97 -7.12
N ARG A 91 -9.00 -4.32 -8.28
CA ARG A 91 -9.75 -3.06 -8.35
C ARG A 91 -11.22 -3.26 -7.97
N ARG A 92 -11.85 -4.27 -8.55
CA ARG A 92 -13.25 -4.50 -8.22
C ARG A 92 -13.42 -4.82 -6.75
N ASP A 93 -12.46 -5.56 -6.19
CA ASP A 93 -12.47 -5.84 -4.77
C ASP A 93 -12.35 -4.57 -3.94
N MET A 94 -11.32 -3.75 -4.19
CA MET A 94 -11.03 -2.62 -3.31
C MET A 94 -12.08 -1.52 -3.42
N ILE A 95 -12.79 -1.42 -4.54
CA ILE A 95 -13.82 -0.39 -4.70
C ILE A 95 -15.14 -0.79 -4.05
N THR A 96 -15.31 -2.07 -3.74
CA THR A 96 -16.59 -2.55 -3.22
C THR A 96 -17.09 -1.76 -2.01
N ARG A 97 -16.21 -1.54 -1.01
CA ARG A 97 -16.64 -0.88 0.23
C ARG A 97 -16.89 0.61 0.07
N THR A 98 -16.56 1.20 -1.07
CA THR A 98 -16.75 2.63 -1.29
C THR A 98 -18.10 2.92 -1.90
N GLY A 99 -18.53 4.18 -1.77
CA GLY A 99 -19.81 4.59 -2.30
C GLY A 99 -19.73 5.74 -3.28
N VAL A 100 -18.60 6.43 -3.27
CA VAL A 100 -18.33 7.57 -4.13
C VAL A 100 -16.90 7.43 -4.60
N SER A 101 -16.64 7.72 -5.87
CA SER A 101 -15.29 7.70 -6.43
C SER A 101 -14.93 9.06 -6.97
N ILE A 102 -13.72 9.53 -6.65
CA ILE A 102 -13.18 10.80 -7.10
C ILE A 102 -12.04 10.50 -8.07
N PHE A 103 -11.97 11.24 -9.18
CA PHE A 103 -10.97 11.02 -10.22
C PHE A 103 -10.13 12.27 -10.43
N LEU A 104 -8.80 12.09 -10.31
CA LEU A 104 -7.81 13.15 -10.45
C LEU A 104 -6.80 12.81 -11.53
N TYR A 105 -6.46 13.81 -12.36
CA TYR A 105 -5.36 13.71 -13.33
C TYR A 105 -5.56 12.46 -14.18
N GLY A 106 -4.56 11.58 -14.22
CA GLY A 106 -4.66 10.33 -14.96
C GLY A 106 -3.80 10.32 -16.19
N ASN A 107 -2.49 10.25 -15.97
CA ASN A 107 -1.53 10.15 -17.07
C ASN A 107 -0.33 9.34 -16.58
N LYS A 108 0.36 8.75 -17.55
CA LYS A 108 1.44 7.81 -17.28
C LYS A 108 2.34 7.76 -18.50
N ILE A 109 3.52 7.16 -18.31
CA ILE A 109 4.41 6.92 -19.44
C ILE A 109 4.02 5.63 -20.14
N ASP A 110 3.89 5.70 -21.45
CA ASP A 110 3.73 4.52 -22.28
C ASP A 110 4.46 4.78 -23.58
N LYS A 111 5.32 3.84 -23.98
CA LYS A 111 6.07 3.97 -25.23
C LYS A 111 6.80 5.31 -25.29
N GLY A 112 7.41 5.69 -24.17
CA GLY A 112 8.24 6.87 -24.09
C GLY A 112 7.48 8.17 -24.04
N GLN A 113 6.15 8.12 -23.95
CA GLN A 113 5.34 9.32 -24.07
C GLN A 113 4.40 9.44 -22.88
N VAL A 114 4.01 10.67 -22.57
CA VAL A 114 2.98 10.89 -21.56
C VAL A 114 1.63 10.68 -22.24
N VAL A 115 0.84 9.74 -21.71
CA VAL A 115 -0.43 9.36 -22.30
C VAL A 115 -1.50 9.36 -21.20
N LYS A 116 -2.76 9.40 -21.62
CA LYS A 116 -3.84 9.30 -20.65
C LYS A 116 -3.86 7.90 -20.04
N ALA A 117 -4.19 7.83 -18.75
CA ALA A 117 -4.03 6.60 -17.97
C ALA A 117 -5.30 5.74 -18.02
N LYS A 118 -5.20 4.63 -18.76
CA LYS A 118 -6.37 3.78 -18.97
C LYS A 118 -6.85 3.14 -17.68
N GLY A 119 -5.97 2.96 -16.69
CA GLY A 119 -6.37 2.40 -15.41
C GLY A 119 -7.37 3.26 -14.67
N VAL A 120 -7.27 4.59 -14.80
CA VAL A 120 -8.26 5.48 -14.20
C VAL A 120 -9.60 5.32 -14.89
N GLN A 121 -9.60 5.21 -16.22
CA GLN A 121 -10.83 4.90 -16.95
C GLN A 121 -11.45 3.58 -16.48
N SER A 122 -10.62 2.55 -16.30
CA SER A 122 -11.13 1.27 -15.81
C SER A 122 -11.75 1.44 -14.43
N GLU A 123 -11.12 2.23 -13.56
CA GLU A 123 -11.68 2.44 -12.22
C GLU A 123 -12.96 3.25 -12.26
N PHE A 124 -13.10 4.18 -13.22
CA PHE A 124 -14.39 4.84 -13.44
C PHE A 124 -15.47 3.84 -13.83
N ASN A 125 -15.18 2.96 -14.78
CA ASN A 125 -16.18 2.01 -15.22
C ASN A 125 -16.57 1.06 -14.10
N ILE A 126 -15.60 0.58 -13.33
CA ILE A 126 -15.92 -0.29 -12.20
C ILE A 126 -16.79 0.45 -11.21
N SER A 127 -16.45 1.72 -10.94
CA SER A 127 -17.23 2.51 -9.99
C SER A 127 -18.68 2.62 -10.45
N PHE A 128 -18.88 2.92 -11.74
CA PHE A 128 -20.24 3.03 -12.26
C PHE A 128 -20.96 1.70 -12.19
N GLU A 129 -20.27 0.62 -12.50
CA GLU A 129 -20.87 -0.71 -12.50
C GLU A 129 -21.31 -1.12 -11.10
N GLN A 130 -20.62 -0.64 -10.08
CA GLN A 130 -20.97 -0.93 -8.70
C GLN A 130 -21.94 0.09 -8.11
N ASN A 131 -22.43 1.01 -8.94
CA ASN A 131 -23.41 2.02 -8.58
C ASN A 131 -22.85 3.08 -7.65
N ASN A 132 -21.54 3.28 -7.66
CA ASN A 132 -20.98 4.45 -7.00
C ASN A 132 -21.39 5.73 -7.73
N TYR A 133 -21.54 6.81 -6.98
CA TYR A 133 -21.47 8.13 -7.58
C TYR A 133 -20.04 8.44 -7.99
N VAL A 134 -19.90 9.25 -9.04
CA VAL A 134 -18.59 9.59 -9.59
C VAL A 134 -18.37 11.10 -9.49
N VAL A 135 -17.12 11.47 -9.22
CA VAL A 135 -16.74 12.89 -9.08
C VAL A 135 -15.49 13.11 -9.91
N PRO A 136 -15.63 13.37 -11.21
CA PRO A 136 -14.46 13.59 -12.07
C PRO A 136 -14.00 15.04 -11.96
N VAL A 137 -12.77 15.25 -11.50
CA VAL A 137 -12.29 16.61 -11.24
C VAL A 137 -11.67 17.11 -12.54
N GLY A 138 -12.53 17.68 -13.39
CA GLY A 138 -12.10 18.07 -14.72
C GLY A 138 -10.99 19.09 -14.75
N ALA A 139 -10.93 19.96 -13.74
CA ALA A 139 -9.87 20.96 -13.67
C ALA A 139 -8.48 20.35 -13.60
N THR A 140 -8.36 19.06 -13.29
CA THR A 140 -7.04 18.44 -13.23
C THR A 140 -6.58 17.88 -14.57
N GLY A 141 -7.40 17.97 -15.62
CA GLY A 141 -6.93 17.56 -16.93
C GLY A 141 -6.95 16.06 -17.18
N TYR A 142 -6.36 15.68 -18.30
CA TYR A 142 -6.08 14.27 -18.64
C TYR A 142 -7.38 13.45 -18.59
N ILE A 143 -7.33 12.25 -18.02
CA ILE A 143 -8.51 11.37 -17.99
C ILE A 143 -9.63 12.03 -17.22
N ALA A 144 -9.30 12.71 -16.12
CA ALA A 144 -10.34 13.30 -15.29
C ALA A 144 -11.15 14.32 -16.07
N LYS A 145 -10.51 15.06 -16.98
CA LYS A 145 -11.24 15.99 -17.82
C LYS A 145 -12.10 15.25 -18.84
N ASP A 146 -11.57 14.18 -19.44
CA ASP A 146 -12.39 13.39 -20.36
C ASP A 146 -13.60 12.83 -19.64
N LEU A 147 -13.40 12.34 -18.41
CA LEU A 147 -14.52 11.81 -17.64
C LEU A 147 -15.50 12.92 -17.26
N TRP A 148 -14.99 14.12 -16.90
CA TRP A 148 -15.89 15.22 -16.62
C TRP A 148 -16.75 15.55 -17.83
N ASN A 149 -16.15 15.55 -19.03
CA ASN A 149 -16.92 15.86 -20.22
C ASN A 149 -17.97 14.79 -20.49
N LYS A 150 -17.60 13.53 -20.31
CA LYS A 150 -18.54 12.43 -20.50
C LYS A 150 -19.74 12.58 -19.58
N VAL A 151 -19.48 12.79 -18.29
CA VAL A 151 -20.57 12.90 -17.31
C VAL A 151 -21.42 14.13 -17.62
N ASN A 152 -20.78 15.24 -17.95
CA ASN A 152 -21.48 16.47 -18.29
C ASN A 152 -22.45 16.24 -19.45
N GLU A 153 -22.03 15.48 -20.45
CA GLU A 153 -22.88 15.24 -21.61
C GLU A 153 -24.03 14.31 -21.29
N GLU A 154 -23.92 13.49 -20.26
CA GLU A 154 -24.97 12.55 -19.87
C GLU A 154 -25.36 12.80 -18.41
N PHE A 155 -25.52 14.07 -18.07
CA PHE A 155 -25.57 14.46 -16.66
C PHE A 155 -26.67 13.74 -15.91
N GLU A 156 -27.85 13.59 -16.52
CA GLU A 156 -28.98 13.02 -15.79
C GLU A 156 -28.82 11.54 -15.54
N THR A 157 -28.00 10.85 -16.32
CA THR A 157 -27.66 9.47 -16.02
C THR A 157 -26.87 9.37 -14.73
N TYR A 158 -25.91 10.27 -14.53
CA TYR A 158 -25.04 10.17 -13.36
C TYR A 158 -25.62 10.81 -12.12
N TYR A 159 -26.43 11.88 -12.25
CA TYR A 159 -26.97 12.59 -11.10
C TYR A 159 -28.45 12.90 -11.34
N PRO A 160 -29.27 11.86 -11.47
CA PRO A 160 -30.71 12.07 -11.68
C PRO A 160 -31.32 12.94 -10.58
N GLY A 161 -32.15 13.88 -11.01
CA GLY A 161 -32.85 14.72 -10.06
C GLY A 161 -31.99 15.72 -9.31
N ALA A 162 -30.80 16.04 -9.82
CA ALA A 162 -29.94 17.01 -9.17
C ALA A 162 -30.58 18.40 -9.12
N ASP A 163 -30.32 19.13 -8.05
CA ASP A 163 -30.81 20.50 -7.93
C ASP A 163 -29.78 21.49 -8.42
N ALA A 164 -30.12 22.78 -8.35
CA ALA A 164 -29.24 23.83 -8.88
C ALA A 164 -27.90 23.83 -8.17
N ARG A 165 -27.90 23.56 -6.86
CA ARG A 165 -26.65 23.59 -6.13
C ARG A 165 -25.71 22.46 -6.59
N MET A 166 -26.26 21.26 -6.78
CA MET A 166 -25.47 20.15 -7.28
C MET A 166 -24.90 20.47 -8.65
N LYS A 167 -25.74 21.04 -9.53
CA LYS A 167 -25.28 21.37 -10.88
C LYS A 167 -24.19 22.43 -10.85
N LYS A 168 -24.33 23.43 -9.97
CA LYS A 168 -23.31 24.44 -9.84
C LYS A 168 -21.99 23.82 -9.40
N LEU A 169 -22.03 23.00 -8.36
CA LEU A 169 -20.81 22.37 -7.89
C LEU A 169 -20.17 21.50 -8.96
N PHE A 170 -20.98 20.71 -9.67
CA PHE A 170 -20.41 19.85 -10.72
C PHE A 170 -19.71 20.69 -11.77
N GLY A 171 -20.30 21.83 -12.15
CA GLY A 171 -19.64 22.71 -13.08
C GLY A 171 -18.30 23.23 -12.56
N GLU A 172 -18.23 23.54 -11.27
CA GLU A 172 -17.02 24.08 -10.69
C GLU A 172 -15.89 23.06 -10.60
N LEU A 173 -16.19 21.76 -10.67
CA LEU A 173 -15.15 20.74 -10.74
C LEU A 173 -14.25 20.92 -11.94
N ASN A 174 -14.74 21.60 -12.98
CA ASN A 174 -13.98 21.84 -14.19
C ASN A 174 -13.50 23.28 -14.31
N ASN A 175 -13.51 24.05 -13.22
CA ASN A 175 -13.13 25.45 -13.26
C ASN A 175 -11.64 25.55 -12.91
N GLU A 176 -10.82 25.77 -13.93
CA GLU A 176 -9.37 25.83 -13.73
C GLU A 176 -8.88 27.13 -13.11
N ALA A 177 -9.77 28.09 -12.89
CA ALA A 177 -9.43 29.34 -12.20
C ALA A 177 -9.52 29.23 -10.69
N LEU A 178 -10.14 28.17 -10.18
CA LEU A 178 -10.26 28.05 -8.73
C LEU A 178 -8.91 27.80 -8.09
N SER A 179 -8.74 28.36 -6.89
CA SER A 179 -7.57 28.05 -6.09
C SER A 179 -7.63 26.61 -5.60
N ILE A 180 -6.51 26.15 -5.02
CA ILE A 180 -6.47 24.82 -4.42
C ILE A 180 -7.60 24.65 -3.42
N GLU A 181 -7.73 25.59 -2.47
CA GLU A 181 -8.73 25.40 -1.43
C GLU A 181 -10.15 25.51 -1.97
N GLU A 182 -10.40 26.36 -2.99
CA GLU A 182 -11.72 26.43 -3.58
C GLU A 182 -12.08 25.14 -4.34
N LEU A 183 -11.12 24.58 -5.08
CA LEU A 183 -11.38 23.32 -5.76
C LEU A 183 -11.62 22.20 -4.76
N ILE A 184 -10.84 22.15 -3.68
CA ILE A 184 -11.07 21.14 -2.65
C ILE A 184 -12.46 21.30 -2.05
N ASN A 185 -12.84 22.53 -1.72
CA ASN A 185 -14.15 22.74 -1.11
C ASN A 185 -15.26 22.31 -2.05
N THR A 186 -15.09 22.57 -3.36
CA THR A 186 -16.07 22.13 -4.35
C THR A 186 -16.20 20.61 -4.34
N ILE A 187 -15.06 19.92 -4.38
CA ILE A 187 -15.06 18.45 -4.38
C ILE A 187 -15.77 17.93 -3.13
N ILE A 188 -15.38 18.41 -1.96
CA ILE A 188 -15.91 17.83 -0.74
C ILE A 188 -17.38 18.20 -0.55
N GLU A 189 -17.78 19.43 -0.88
CA GLU A 189 -19.20 19.76 -0.77
C GLU A 189 -20.05 18.91 -1.71
N PHE A 190 -19.52 18.59 -2.89
CA PHE A 190 -20.23 17.73 -3.82
C PHE A 190 -20.31 16.30 -3.28
N VAL A 191 -19.19 15.78 -2.78
CA VAL A 191 -19.21 14.45 -2.16
C VAL A 191 -20.19 14.40 -0.99
N GLU A 192 -20.26 15.48 -0.21
CA GLU A 192 -21.18 15.51 0.92
C GLU A 192 -22.62 15.37 0.49
N ILE A 193 -23.00 16.00 -0.61
CA ILE A 193 -24.33 15.79 -1.17
C ILE A 193 -24.51 14.33 -1.57
N LEU A 194 -23.52 13.78 -2.29
CA LEU A 194 -23.67 12.43 -2.83
C LEU A 194 -23.68 11.37 -1.75
N SER A 195 -23.20 11.70 -0.56
CA SER A 195 -23.06 10.78 0.56
C SER A 195 -24.25 10.78 1.50
N ASN A 196 -25.29 11.55 1.17
CA ASN A 196 -26.52 11.64 1.98
C ASN A 196 -26.38 12.69 3.07
N SER B 1 -1.53 -17.98 20.20
CA SER B 1 -2.02 -18.56 18.96
C SER B 1 -1.54 -17.72 17.78
N ASN B 2 -1.62 -18.29 16.58
CA ASN B 2 -1.12 -17.61 15.39
C ASN B 2 -1.86 -16.30 15.21
N ALA B 3 -1.10 -15.21 15.06
CA ALA B 3 -1.69 -13.88 14.98
C ALA B 3 -1.10 -13.15 13.79
N THR B 4 -0.54 -11.96 14.01
CA THR B 4 -0.15 -11.08 12.90
C THR B 4 1.36 -10.88 12.91
N VAL B 5 1.98 -11.10 11.76
CA VAL B 5 3.42 -10.94 11.59
C VAL B 5 3.71 -9.69 10.78
N PHE B 6 4.83 -9.06 11.06
CA PHE B 6 5.38 -8.02 10.20
C PHE B 6 6.40 -8.64 9.26
N LEU B 7 6.21 -8.43 7.97
CA LEU B 7 7.10 -9.00 6.97
C LEU B 7 7.96 -7.88 6.40
N SER B 8 9.24 -7.89 6.80
CA SER B 8 10.21 -6.85 6.51
C SER B 8 11.14 -7.33 5.41
N GLY B 9 11.37 -6.49 4.41
CA GLY B 9 12.36 -6.81 3.41
C GLY B 9 12.30 -5.93 2.18
N SER B 10 13.45 -5.81 1.52
CA SER B 10 13.56 -5.10 0.25
C SER B 10 14.73 -5.72 -0.49
N ALA B 11 14.69 -5.67 -1.82
CA ALA B 11 15.76 -6.29 -2.59
C ALA B 11 15.76 -5.84 -4.04
N VAL B 12 16.97 -5.71 -4.59
CA VAL B 12 17.18 -5.74 -6.03
C VAL B 12 17.98 -6.96 -6.45
N GLU B 13 18.61 -7.66 -5.52
CA GLU B 13 19.24 -8.95 -5.77
C GLU B 13 18.96 -9.85 -4.57
N TYR B 14 19.12 -11.16 -4.78
CA TYR B 14 18.56 -12.14 -3.87
C TYR B 14 19.58 -13.21 -3.48
N ASN B 15 20.83 -12.79 -3.24
CA ASN B 15 21.90 -13.64 -2.70
C ASN B 15 22.23 -14.71 -3.74
N HIS B 16 21.95 -15.98 -3.47
CA HIS B 16 22.30 -17.04 -4.41
C HIS B 16 21.19 -17.40 -5.38
N TRP B 17 20.05 -16.72 -5.32
CA TRP B 17 18.90 -17.08 -6.12
C TRP B 17 18.65 -16.06 -7.20
N GLU B 18 18.21 -16.54 -8.37
CA GLU B 18 17.71 -15.68 -9.42
C GLU B 18 16.43 -14.98 -8.99
N THR B 19 16.19 -13.81 -9.57
CA THR B 19 15.02 -13.01 -9.21
C THR B 19 13.73 -13.83 -9.26
N GLU B 20 13.49 -14.55 -10.37
CA GLU B 20 12.21 -15.27 -10.48
C GLU B 20 12.08 -16.34 -9.41
N HIS B 21 13.21 -16.91 -8.95
CA HIS B 21 13.16 -17.93 -7.93
C HIS B 21 12.88 -17.32 -6.57
N ALA B 22 13.53 -16.21 -6.26
CA ALA B 22 13.25 -15.52 -5.00
C ALA B 22 11.81 -15.02 -4.98
N GLU B 23 11.28 -14.57 -6.12
CA GLU B 23 9.89 -14.15 -6.17
C GLU B 23 8.96 -15.31 -5.80
N GLN B 24 9.25 -16.52 -6.32
CA GLN B 24 8.44 -17.67 -5.95
C GLN B 24 8.53 -17.96 -4.46
N PHE B 25 9.74 -17.83 -3.87
CA PHE B 25 9.90 -18.02 -2.44
C PHE B 25 9.01 -17.06 -1.64
N ILE B 26 9.06 -15.77 -1.99
CA ILE B 26 8.29 -14.79 -1.23
C ILE B 26 6.80 -15.01 -1.41
N HIS B 27 6.38 -15.29 -2.65
CA HIS B 27 4.99 -15.61 -2.95
C HIS B 27 4.52 -16.81 -2.15
N GLN B 28 5.29 -17.90 -2.16
CA GLN B 28 4.86 -19.12 -1.47
C GLN B 28 4.95 -18.97 0.05
N LEU B 29 5.93 -18.22 0.55
CA LEU B 29 5.98 -17.95 1.99
C LEU B 29 4.73 -17.20 2.43
N SER B 30 4.34 -16.17 1.68
CA SER B 30 3.18 -15.36 2.05
C SER B 30 1.92 -16.19 2.00
N LYS B 31 1.76 -16.97 0.93
CA LYS B 31 0.61 -17.87 0.81
C LYS B 31 0.54 -18.83 1.99
N GLU B 32 1.67 -19.44 2.37
CA GLU B 32 1.68 -20.41 3.44
C GLU B 32 1.38 -19.77 4.79
N LEU B 33 1.86 -18.53 5.01
CA LEU B 33 1.47 -17.81 6.22
C LEU B 33 -0.05 -17.67 6.30
N ILE B 34 -0.68 -17.28 5.19
CA ILE B 34 -2.13 -17.15 5.19
C ILE B 34 -2.78 -18.49 5.46
N ARG B 35 -2.29 -19.55 4.82
CA ARG B 35 -2.94 -20.86 4.96
C ARG B 35 -2.85 -21.37 6.38
N LYS B 36 -1.83 -20.96 7.13
CA LYS B 36 -1.64 -21.31 8.53
C LYS B 36 -2.29 -20.32 9.49
N ASP B 37 -3.17 -19.44 8.99
CA ASP B 37 -4.00 -18.55 9.79
C ASP B 37 -3.22 -17.43 10.45
N PHE B 38 -2.14 -17.01 9.81
CA PHE B 38 -1.48 -15.77 10.17
C PHE B 38 -2.07 -14.63 9.35
N ASN B 39 -1.95 -13.43 9.89
CA ASN B 39 -2.15 -12.19 9.15
C ASN B 39 -0.78 -11.57 8.91
N ILE B 40 -0.67 -10.77 7.86
CA ILE B 40 0.59 -10.15 7.45
C ILE B 40 0.44 -8.64 7.37
N VAL B 41 1.39 -7.90 7.98
CA VAL B 41 1.57 -6.47 7.71
C VAL B 41 2.80 -6.35 6.81
N SER B 42 2.66 -5.59 5.73
CA SER B 42 3.73 -5.39 4.77
C SER B 42 3.84 -3.92 4.42
N GLY B 43 5.06 -3.41 4.41
CA GLY B 43 5.33 -2.06 3.94
C GLY B 43 5.66 -1.96 2.46
N PHE B 44 5.35 -3.00 1.68
CA PHE B 44 5.41 -2.91 0.21
C PHE B 44 6.83 -2.54 -0.24
N GLY B 45 7.82 -3.25 0.33
CA GLY B 45 9.20 -2.96 0.00
C GLY B 45 9.53 -3.35 -1.43
N LEU B 46 10.40 -2.56 -2.05
CA LEU B 46 10.83 -2.89 -3.41
C LEU B 46 11.39 -4.32 -3.46
N GLY B 47 10.99 -5.05 -4.49
CA GLY B 47 11.50 -6.40 -4.70
C GLY B 47 10.89 -7.45 -3.81
N VAL B 48 9.96 -7.07 -2.94
CA VAL B 48 9.38 -7.99 -1.96
C VAL B 48 7.87 -7.84 -1.92
N GLY B 49 7.38 -6.60 -1.76
CA GLY B 49 5.98 -6.40 -1.44
C GLY B 49 5.03 -6.90 -2.50
N SER B 50 5.36 -6.70 -3.78
CA SER B 50 4.50 -7.15 -4.85
C SER B 50 4.27 -8.65 -4.78
N PHE B 51 5.30 -9.39 -4.36
CA PHE B 51 5.20 -10.86 -4.36
C PHE B 51 4.48 -11.35 -3.12
N VAL B 52 4.57 -10.62 -2.02
CA VAL B 52 3.68 -10.86 -0.87
C VAL B 52 2.23 -10.74 -1.30
N ILE B 53 1.88 -9.62 -1.96
CA ILE B 53 0.52 -9.40 -2.44
C ILE B 53 0.09 -10.53 -3.36
N ASN B 54 0.97 -10.91 -4.31
CA ASN B 54 0.61 -11.95 -5.26
C ASN B 54 0.24 -13.25 -4.54
N GLY B 55 1.05 -13.64 -3.56
CA GLY B 55 0.77 -14.87 -2.84
C GLY B 55 -0.52 -14.81 -2.05
N VAL B 56 -0.77 -13.67 -1.40
CA VAL B 56 -1.99 -13.55 -0.63
C VAL B 56 -3.21 -13.52 -1.55
N LEU B 57 -3.15 -12.75 -2.63
CA LEU B 57 -4.30 -12.65 -3.53
C LEU B 57 -4.62 -14.01 -4.15
N GLU B 58 -3.60 -14.82 -4.45
CA GLU B 58 -3.88 -16.16 -4.96
C GLU B 58 -4.76 -16.92 -3.99
N GLU B 59 -4.40 -16.91 -2.71
CA GLU B 59 -5.13 -17.65 -1.70
C GLU B 59 -6.52 -17.06 -1.48
N LEU B 60 -6.61 -15.72 -1.38
CA LEU B 60 -7.90 -15.10 -1.15
C LEU B 60 -8.85 -15.36 -2.31
N TYR B 61 -8.39 -15.13 -3.53
CA TYR B 61 -9.30 -15.12 -4.66
C TYR B 61 -9.68 -16.52 -5.10
N MET B 62 -8.83 -17.52 -4.85
CA MET B 62 -9.29 -18.89 -5.11
C MET B 62 -10.44 -19.27 -4.19
N ASN B 63 -10.62 -18.53 -3.09
CA ASN B 63 -11.70 -18.76 -2.15
C ASN B 63 -12.79 -17.69 -2.19
N GLN B 64 -12.86 -16.91 -3.29
CA GLN B 64 -13.84 -15.84 -3.46
C GLN B 64 -13.79 -14.83 -2.31
N GLY B 65 -12.59 -14.61 -1.78
CA GLY B 65 -12.38 -13.74 -0.65
C GLY B 65 -12.07 -12.31 -1.05
N THR B 66 -11.70 -11.51 -0.05
CA THR B 66 -11.55 -10.08 -0.23
C THR B 66 -10.37 -9.54 0.57
N ILE B 67 -9.67 -8.59 -0.04
CA ILE B 67 -8.64 -7.84 0.66
C ILE B 67 -9.17 -7.17 1.91
N ASP B 68 -10.49 -6.91 1.99
CA ASP B 68 -11.07 -6.28 3.18
C ASP B 68 -11.10 -7.19 4.40
N ASP B 69 -10.78 -8.48 4.25
CA ASP B 69 -10.76 -9.40 5.39
C ASP B 69 -9.56 -9.17 6.30
N ASP B 70 -8.63 -8.29 5.93
CA ASP B 70 -7.50 -7.87 6.75
C ASP B 70 -6.61 -9.04 7.13
N ARG B 71 -6.48 -10.00 6.22
CA ARG B 71 -5.42 -10.98 6.31
C ARG B 71 -4.09 -10.37 5.89
N LEU B 72 -4.13 -9.39 5.00
CA LEU B 72 -2.95 -8.68 4.52
C LEU B 72 -3.20 -7.19 4.73
N ILE B 73 -2.36 -6.57 5.53
CA ILE B 73 -2.45 -5.17 5.93
C ILE B 73 -1.33 -4.43 5.23
N LEU B 74 -1.68 -3.54 4.30
CA LEU B 74 -0.68 -2.92 3.43
C LEU B 74 -0.40 -1.49 3.85
N ARG B 75 0.88 -1.16 3.96
CA ARG B 75 1.33 0.15 4.40
C ARG B 75 2.46 0.62 3.47
N PRO B 76 2.15 0.86 2.20
CA PRO B 76 3.15 1.44 1.31
C PRO B 76 3.65 2.77 1.85
N PHE B 77 4.93 3.05 1.57
CA PHE B 77 5.59 4.23 2.13
C PHE B 77 5.45 5.42 1.18
N PRO B 78 5.08 6.58 1.70
CA PRO B 78 5.03 7.79 0.86
C PRO B 78 6.44 8.21 0.46
N GLN B 79 6.62 8.44 -0.83
CA GLN B 79 7.93 8.73 -1.39
C GLN B 79 8.12 10.24 -1.54
N GLY B 80 9.36 10.69 -1.33
CA GLY B 80 9.70 12.09 -1.37
C GLY B 80 10.03 12.63 0.02
N LYS B 81 10.45 13.89 0.06
CA LYS B 81 10.98 14.44 1.31
C LYS B 81 9.92 14.50 2.40
N LYS B 82 8.72 15.00 2.07
CA LYS B 82 7.65 15.06 3.05
C LYS B 82 7.31 13.67 3.58
N GLY B 83 7.23 12.70 2.67
CA GLY B 83 6.96 11.34 3.09
C GLY B 83 8.00 10.83 4.06
N GLU B 84 9.28 11.05 3.75
CA GLU B 84 10.36 10.51 4.55
C GLU B 84 10.33 11.05 5.97
N GLU B 85 9.78 12.27 6.15
CA GLU B 85 9.67 12.86 7.48
C GLU B 85 8.79 12.03 8.41
N GLN B 86 7.86 11.26 7.87
CA GLN B 86 6.95 10.45 8.65
C GLN B 86 7.33 8.97 8.74
N TRP B 87 8.41 8.55 8.08
CA TRP B 87 8.66 7.11 7.98
C TRP B 87 8.88 6.45 9.34
N ASP B 88 9.60 7.10 10.25
CA ASP B 88 9.82 6.49 11.57
C ASP B 88 8.51 6.32 12.34
N LYS B 89 7.69 7.38 12.39
CA LYS B 89 6.40 7.29 13.07
C LYS B 89 5.52 6.26 12.40
N TYR B 90 5.53 6.23 11.06
CA TYR B 90 4.71 5.28 10.31
C TYR B 90 5.11 3.84 10.61
N ARG B 91 6.41 3.57 10.64
CA ARG B 91 6.88 2.24 11.01
C ARG B 91 6.45 1.85 12.42
N ARG B 92 6.67 2.73 13.38
CA ARG B 92 6.28 2.40 14.76
C ARG B 92 4.78 2.15 14.84
N ASP B 93 3.99 2.92 14.10
CA ASP B 93 2.55 2.72 14.06
C ASP B 93 2.19 1.37 13.45
N MET B 94 2.71 1.08 12.26
CA MET B 94 2.28 -0.11 11.53
C MET B 94 2.73 -1.40 12.20
N ILE B 95 3.82 -1.38 12.97
CA ILE B 95 4.33 -2.59 13.63
C ILE B 95 3.56 -2.87 14.91
N THR B 96 2.84 -1.89 15.45
CA THR B 96 2.15 -2.08 16.73
C THR B 96 1.28 -3.33 16.77
N ARG B 97 0.52 -3.60 15.70
CA ARG B 97 -0.41 -4.72 15.71
C ARG B 97 0.25 -6.08 15.52
N THR B 98 1.55 -6.13 15.27
CA THR B 98 2.26 -7.38 15.04
C THR B 98 2.96 -7.85 16.31
N GLY B 99 3.18 -9.16 16.40
CA GLY B 99 3.88 -9.74 17.54
C GLY B 99 5.12 -10.50 17.19
N VAL B 100 5.28 -10.82 15.90
CA VAL B 100 6.44 -11.53 15.37
C VAL B 100 6.83 -10.81 14.09
N SER B 101 8.12 -10.59 13.90
CA SER B 101 8.63 -9.92 12.71
C SER B 101 9.61 -10.82 11.98
N ILE B 102 9.44 -10.92 10.67
CA ILE B 102 10.27 -11.75 9.79
C ILE B 102 11.08 -10.81 8.90
N PHE B 103 12.37 -11.08 8.73
CA PHE B 103 13.28 -10.22 7.96
C PHE B 103 13.88 -10.99 6.79
N LEU B 104 13.71 -10.45 5.58
CA LEU B 104 14.20 -11.04 4.35
C LEU B 104 15.08 -10.05 3.60
N TYR B 105 16.21 -10.53 3.08
CA TYR B 105 17.05 -9.76 2.14
C TYR B 105 17.43 -8.43 2.80
N GLY B 106 17.19 -7.30 2.16
CA GLY B 106 17.55 -6.01 2.70
C GLY B 106 18.67 -5.35 1.93
N ASN B 107 18.39 -5.03 0.66
CA ASN B 107 19.36 -4.34 -0.18
C ASN B 107 18.61 -3.45 -1.14
N LYS B 108 19.26 -2.39 -1.59
CA LYS B 108 18.63 -1.41 -2.44
C LYS B 108 19.68 -0.69 -3.27
N ILE B 109 19.23 -0.02 -4.33
CA ILE B 109 20.10 0.87 -5.10
C ILE B 109 20.17 2.22 -4.40
N ASP B 110 21.39 2.69 -4.17
CA ASP B 110 21.62 4.04 -3.69
C ASP B 110 22.80 4.59 -4.47
N LYS B 111 22.59 5.71 -5.16
CA LYS B 111 23.67 6.33 -5.93
C LYS B 111 24.25 5.33 -6.92
N GLY B 112 23.38 4.55 -7.56
CA GLY B 112 23.81 3.63 -8.59
C GLY B 112 24.53 2.40 -8.11
N GLN B 113 24.60 2.17 -6.80
CA GLN B 113 25.27 1.02 -6.21
C GLN B 113 24.29 0.23 -5.35
N VAL B 114 24.50 -1.09 -5.30
CA VAL B 114 23.72 -1.93 -4.38
C VAL B 114 24.29 -1.77 -2.98
N VAL B 115 23.44 -1.38 -2.03
CA VAL B 115 23.84 -1.19 -0.65
C VAL B 115 22.84 -1.90 0.26
N LYS B 116 23.24 -2.12 1.51
CA LYS B 116 22.34 -2.68 2.51
C LYS B 116 21.22 -1.71 2.83
N ALA B 117 20.06 -2.27 3.16
CA ALA B 117 18.83 -1.51 3.37
C ALA B 117 18.65 -1.15 4.85
N LYS B 118 19.00 0.08 5.20
CA LYS B 118 18.90 0.52 6.59
C LYS B 118 17.47 0.46 7.09
N GLY B 119 16.47 0.59 6.21
CA GLY B 119 15.09 0.54 6.68
C GLY B 119 14.71 -0.80 7.30
N VAL B 120 15.32 -1.89 6.81
CA VAL B 120 15.07 -3.20 7.40
C VAL B 120 15.66 -3.26 8.80
N GLN B 121 16.83 -2.66 8.98
CA GLN B 121 17.42 -2.57 10.31
C GLN B 121 16.53 -1.76 11.24
N SER B 122 16.00 -0.64 10.75
CA SER B 122 15.11 0.19 11.58
C SER B 122 13.88 -0.62 12.00
N GLU B 123 13.32 -1.38 11.06
CA GLU B 123 12.16 -2.21 11.39
C GLU B 123 12.50 -3.29 12.40
N PHE B 124 13.73 -3.84 12.35
CA PHE B 124 14.16 -4.79 13.37
C PHE B 124 14.22 -4.12 14.74
N ASN B 125 14.84 -2.94 14.81
CA ASN B 125 14.96 -2.23 16.08
C ASN B 125 13.60 -1.92 16.67
N ILE B 126 12.68 -1.41 15.83
CA ILE B 126 11.34 -1.07 16.29
C ILE B 126 10.60 -2.31 16.76
N SER B 127 10.73 -3.40 16.01
CA SER B 127 10.10 -4.65 16.41
C SER B 127 10.60 -5.11 17.78
N PHE B 128 11.92 -5.11 17.96
CA PHE B 128 12.48 -5.54 19.23
C PHE B 128 12.09 -4.61 20.37
N GLU B 129 11.99 -3.31 20.09
CA GLU B 129 11.63 -2.35 21.13
C GLU B 129 10.22 -2.58 21.67
N GLN B 130 9.31 -3.16 20.88
CA GLN B 130 7.99 -3.50 21.40
C GLN B 130 7.90 -4.99 21.78
N ASN B 131 9.04 -5.64 21.96
CA ASN B 131 9.14 -7.01 22.44
C ASN B 131 8.57 -8.03 21.47
N ASN B 132 8.54 -7.72 20.17
CA ASN B 132 8.28 -8.76 19.20
C ASN B 132 9.37 -9.82 19.22
N TYR B 133 8.99 -11.06 18.95
CA TYR B 133 9.99 -12.02 18.51
C TYR B 133 10.43 -11.65 17.09
N VAL B 134 11.73 -11.75 16.84
CA VAL B 134 12.33 -11.44 15.55
C VAL B 134 12.77 -12.73 14.90
N VAL B 135 12.63 -12.79 13.57
CA VAL B 135 12.95 -13.98 12.81
C VAL B 135 13.79 -13.56 11.60
N PRO B 136 15.10 -13.43 11.76
CA PRO B 136 15.95 -12.99 10.65
C PRO B 136 16.35 -14.16 9.79
N VAL B 137 15.97 -14.15 8.52
CA VAL B 137 16.19 -15.31 7.65
C VAL B 137 17.57 -15.11 7.04
N GLY B 138 18.60 -15.56 7.78
CA GLY B 138 19.96 -15.27 7.42
C GLY B 138 20.36 -15.81 6.05
N ALA B 139 19.72 -16.88 5.60
CA ALA B 139 20.05 -17.47 4.31
C ALA B 139 19.78 -16.52 3.16
N THR B 140 18.95 -15.50 3.36
CA THR B 140 18.67 -14.54 2.29
C THR B 140 19.73 -13.44 2.17
N GLY B 141 20.72 -13.40 3.06
CA GLY B 141 21.82 -12.47 2.89
C GLY B 141 21.54 -11.06 3.39
N TYR B 142 22.48 -10.18 3.10
CA TYR B 142 22.32 -8.72 3.29
C TYR B 142 21.97 -8.42 4.74
N ILE B 143 21.03 -7.50 4.98
CA ILE B 143 20.68 -7.14 6.37
C ILE B 143 20.14 -8.35 7.12
N ALA B 144 19.36 -9.20 6.46
CA ALA B 144 18.80 -10.34 7.15
C ALA B 144 19.90 -11.24 7.70
N LYS B 145 21.01 -11.36 6.96
CA LYS B 145 22.16 -12.11 7.45
C LYS B 145 22.84 -11.41 8.62
N ASP B 146 23.03 -10.08 8.52
CA ASP B 146 23.60 -9.34 9.64
C ASP B 146 22.74 -9.50 10.89
N LEU B 147 21.41 -9.45 10.72
CA LEU B 147 20.53 -9.58 11.87
C LEU B 147 20.57 -10.99 12.43
N TRP B 148 20.67 -12.01 11.56
CA TRP B 148 20.79 -13.38 12.03
C TRP B 148 22.05 -13.53 12.88
N ASN B 149 23.17 -12.96 12.42
CA ASN B 149 24.41 -13.06 13.20
C ASN B 149 24.27 -12.35 14.54
N LYS B 150 23.69 -11.15 14.54
CA LYS B 150 23.46 -10.42 15.80
C LYS B 150 22.64 -11.26 16.78
N VAL B 151 21.55 -11.86 16.31
CA VAL B 151 20.73 -12.66 17.19
C VAL B 151 21.49 -13.91 17.65
N ASN B 152 22.21 -14.55 16.73
CA ASN B 152 22.97 -15.75 17.08
C ASN B 152 23.98 -15.44 18.18
N GLU B 153 24.54 -14.24 18.17
CA GLU B 153 25.57 -13.85 19.14
C GLU B 153 25.01 -13.62 20.53
N GLU B 154 23.71 -13.31 20.65
CA GLU B 154 23.07 -13.05 21.94
C GLU B 154 21.72 -13.76 21.98
N PHE B 155 21.76 -15.06 21.72
CA PHE B 155 20.55 -15.82 21.44
C PHE B 155 19.54 -15.73 22.58
N GLU B 156 20.02 -15.80 23.82
CA GLU B 156 19.10 -15.82 24.96
C GLU B 156 18.42 -14.47 25.20
N THR B 157 18.95 -13.38 24.62
CA THR B 157 18.28 -12.09 24.69
C THR B 157 17.03 -12.09 23.84
N TYR B 158 17.10 -12.76 22.69
CA TYR B 158 16.00 -12.76 21.74
C TYR B 158 15.02 -13.88 21.97
N TYR B 159 15.48 -15.04 22.47
CA TYR B 159 14.63 -16.20 22.67
C TYR B 159 14.94 -16.82 24.02
N PRO B 160 14.67 -16.12 25.11
CA PRO B 160 14.99 -16.67 26.44
C PRO B 160 14.23 -17.95 26.68
N GLY B 161 14.94 -18.95 27.22
CA GLY B 161 14.28 -20.21 27.51
C GLY B 161 13.96 -21.06 26.30
N ALA B 162 14.60 -20.80 25.16
CA ALA B 162 14.29 -21.57 23.96
C ALA B 162 14.62 -23.04 24.16
N ASP B 163 13.86 -23.90 23.48
CA ASP B 163 14.09 -25.34 23.52
C ASP B 163 14.95 -25.79 22.35
N ALA B 164 15.28 -27.10 22.34
CA ALA B 164 16.22 -27.61 21.35
C ALA B 164 15.66 -27.44 19.94
N ARG B 165 14.37 -27.66 19.76
CA ARG B 165 13.80 -27.53 18.42
C ARG B 165 13.93 -26.10 17.92
N MET B 166 13.66 -25.13 18.80
CA MET B 166 13.82 -23.72 18.42
C MET B 166 15.25 -23.43 18.00
N LYS B 167 16.24 -23.98 18.72
CA LYS B 167 17.62 -23.74 18.40
C LYS B 167 17.99 -24.34 17.04
N LYS B 168 17.50 -25.54 16.75
CA LYS B 168 17.78 -26.14 15.45
C LYS B 168 17.14 -25.33 14.33
N LEU B 169 15.86 -24.96 14.50
CA LEU B 169 15.19 -24.18 13.46
C LEU B 169 15.88 -22.85 13.24
N PHE B 170 16.31 -22.20 14.32
CA PHE B 170 16.99 -20.93 14.15
C PHE B 170 18.26 -21.10 13.32
N GLY B 171 19.03 -22.16 13.58
CA GLY B 171 20.20 -22.41 12.75
C GLY B 171 19.84 -22.61 11.29
N GLU B 172 18.77 -23.35 11.03
CA GLU B 172 18.36 -23.62 9.66
C GLU B 172 17.91 -22.38 8.92
N LEU B 173 17.51 -21.31 9.64
CA LEU B 173 17.20 -20.07 8.95
C LEU B 173 18.38 -19.52 8.18
N ASN B 174 19.59 -19.91 8.57
CA ASN B 174 20.82 -19.46 7.93
C ASN B 174 21.43 -20.52 7.02
N ASN B 175 20.70 -21.59 6.71
CA ASN B 175 21.20 -22.67 5.86
C ASN B 175 20.88 -22.35 4.39
N GLU B 176 21.91 -21.92 3.66
CA GLU B 176 21.76 -21.51 2.27
C GLU B 176 21.59 -22.70 1.34
N ALA B 177 21.70 -23.92 1.84
CA ALA B 177 21.47 -25.11 1.03
C ALA B 177 20.01 -25.52 0.94
N LEU B 178 19.15 -24.97 1.81
CA LEU B 178 17.76 -25.38 1.80
C LEU B 178 17.05 -24.91 0.54
N SER B 179 16.16 -25.76 0.05
CA SER B 179 15.23 -25.43 -1.02
C SER B 179 14.21 -24.40 -0.55
N ILE B 180 13.47 -23.85 -1.51
CA ILE B 180 12.37 -22.96 -1.18
C ILE B 180 11.43 -23.62 -0.18
N GLU B 181 11.01 -24.87 -0.45
CA GLU B 181 10.05 -25.52 0.43
C GLU B 181 10.64 -25.73 1.82
N GLU B 182 11.90 -26.14 1.89
CA GLU B 182 12.53 -26.40 3.18
C GLU B 182 12.69 -25.13 3.98
N LEU B 183 13.09 -24.04 3.31
CA LEU B 183 13.27 -22.77 4.02
C LEU B 183 11.93 -22.23 4.48
N ILE B 184 10.88 -22.33 3.65
CA ILE B 184 9.56 -21.88 4.07
C ILE B 184 9.10 -22.67 5.29
N ASN B 185 9.26 -24.00 5.25
CA ASN B 185 8.78 -24.82 6.35
C ASN B 185 9.54 -24.51 7.63
N THR B 186 10.82 -24.18 7.52
CA THR B 186 11.61 -23.76 8.70
C THR B 186 11.04 -22.48 9.29
N ILE B 187 10.83 -21.46 8.46
CA ILE B 187 10.28 -20.20 8.92
C ILE B 187 8.92 -20.41 9.55
N ILE B 188 8.03 -21.16 8.89
CA ILE B 188 6.66 -21.30 9.37
C ILE B 188 6.65 -22.02 10.71
N GLU B 189 7.42 -23.11 10.83
CA GLU B 189 7.41 -23.85 12.08
C GLU B 189 7.95 -22.99 13.22
N PHE B 190 9.02 -22.22 12.96
CA PHE B 190 9.59 -21.35 13.98
C PHE B 190 8.59 -20.29 14.42
N VAL B 191 7.92 -19.65 13.46
CA VAL B 191 6.95 -18.61 13.79
C VAL B 191 5.75 -19.19 14.53
N GLU B 192 5.33 -20.41 14.16
CA GLU B 192 4.26 -21.07 14.92
C GLU B 192 4.67 -21.31 16.37
N ILE B 193 5.89 -21.82 16.59
CA ILE B 193 6.34 -22.02 17.96
C ILE B 193 6.31 -20.70 18.73
N LEU B 194 6.81 -19.63 18.12
CA LEU B 194 6.90 -18.34 18.79
C LEU B 194 5.55 -17.72 19.04
N SER B 195 4.53 -18.18 18.35
CA SER B 195 3.18 -17.66 18.48
C SER B 195 2.36 -18.48 19.47
N ASN B 196 2.94 -19.56 19.99
CA ASN B 196 2.24 -20.53 20.84
C ASN B 196 3.18 -20.96 21.96
#